data_2VXV
#
_entry.id   2VXV
#
_cell.length_a   64.406
_cell.length_b   74.069
_cell.length_c   107.271
_cell.angle_alpha   90.00
_cell.angle_beta   90.00
_cell.angle_gamma   90.00
#
_symmetry.space_group_name_H-M   'P 21 21 21'
#
loop_
_entity.id
_entity.type
_entity.pdbx_description
1 polymer 'HUMAN IGG ABT-325'
2 polymer 'HUMAN IGG ABT-325'
3 non-polymer '3-CYCLOHEXYL-1-PROPYLSULFONIC ACID'
4 non-polymer GLYCEROL
5 water water
#
loop_
_entity_poly.entity_id
_entity_poly.type
_entity_poly.pdbx_seq_one_letter_code
_entity_poly.pdbx_strand_id
1 'polypeptide(L)'
;EVQLVQSGTEVKKPGESLKISCKGSGYTVTSYWIGWVRQMPGKGLEWMGFIYPGDSETRYSPTFQGQVTISADKSFNTAF
LQWSSLKASDTAMYYCARVGSGWYPYTFDIWGQGTMVTVSSASTKGPSVFPLAPSSKSTSGGTAALGCLVKDYFPEPVTV
SWNSGALTSGVHTFPAVLQSSGLYSLSSVVTVPSSSLGTQTYICNVNHKPSNTKVDKKVEPKS
;
H
2 'polypeptide(L)'
;EIVMTQSPATLSVSPGERATLSCRASESISSNLAWYQQKPGQAPRLFIYTASTRATDIPARFSGSGSGTEFTLTISSLQS
EDFAVYYCQQYNNWPSITFGQGTRLEIKRTVAAPSVFIFPPSDEQLKSGTASVVCLLNNFYPREAKVQWKVDNALQSGNS
QESVTEQDSKDSTYSLSSTLTLSKADYEKHKVYACEVTHQGLSSPVTKSFNRGE
;
L
#
loop_
_chem_comp.id
_chem_comp.type
_chem_comp.name
_chem_comp.formula
CXS non-polymer '3-CYCLOHEXYL-1-PROPYLSULFONIC ACID' 'C9 H19 N O3 S'
GOL non-polymer GLYCEROL 'C3 H8 O3'
#
# COMPACT_ATOMS: atom_id res chain seq x y z
N GLU A 1 -28.73 4.65 -8.84
CA GLU A 1 -27.50 3.82 -8.64
C GLU A 1 -27.37 3.30 -7.21
N VAL A 2 -27.11 2.02 -7.06
CA VAL A 2 -26.98 1.40 -5.74
C VAL A 2 -25.59 1.71 -5.20
N GLN A 3 -25.52 2.41 -4.08
CA GLN A 3 -24.24 2.75 -3.50
C GLN A 3 -24.26 2.92 -2.00
N LEU A 4 -23.07 2.78 -1.44
CA LEU A 4 -22.78 3.08 -0.05
C LEU A 4 -21.72 4.12 -0.05
N VAL A 5 -21.96 5.20 0.71
CA VAL A 5 -21.03 6.34 0.77
C VAL A 5 -20.56 6.50 2.21
N GLN A 6 -19.26 6.40 2.40
CA GLN A 6 -18.66 6.50 3.72
C GLN A 6 -18.16 7.92 4.00
N SER A 7 -18.00 8.22 5.28
CA SER A 7 -17.51 9.51 5.74
C SER A 7 -16.01 9.65 5.48
N GLY A 8 -15.49 10.85 5.65
CA GLY A 8 -14.15 11.17 5.22
C GLY A 8 -13.03 10.71 6.14
N THR A 9 -11.81 10.89 5.63
CA THR A 9 -10.60 10.53 6.33
C THR A 9 -10.56 11.18 7.71
N GLU A 10 -10.13 10.40 8.70
CA GLU A 10 -9.99 10.80 10.08
C GLU A 10 -8.53 10.70 10.54
N VAL A 11 -8.09 11.70 11.30
CA VAL A 11 -6.79 11.68 11.99
C VAL A 11 -7.06 12.04 13.42
N LYS A 12 -6.80 11.10 14.33
CA LYS A 12 -7.15 11.24 15.74
C LYS A 12 -6.00 10.87 16.64
N LYS A 13 -6.15 11.21 17.92
CA LYS A 13 -5.18 10.88 18.95
C LYS A 13 -5.70 9.74 19.82
N PRO A 14 -4.80 8.92 20.35
CA PRO A 14 -5.23 7.87 21.27
C PRO A 14 -6.07 8.44 22.41
N GLY A 15 -7.14 7.74 22.75
CA GLY A 15 -8.05 8.15 23.80
C GLY A 15 -9.25 8.95 23.32
N GLU A 16 -9.20 9.47 22.11
CA GLU A 16 -10.34 10.20 21.55
C GLU A 16 -11.45 9.22 21.13
N SER A 17 -12.69 9.71 21.11
CA SER A 17 -13.79 8.96 20.55
C SER A 17 -13.90 9.25 19.05
N LEU A 18 -14.61 8.38 18.36
CA LEU A 18 -14.78 8.51 16.91
C LEU A 18 -16.02 7.73 16.44
N LYS A 19 -16.81 8.35 15.57
CA LYS A 19 -17.96 7.71 14.92
C LYS A 19 -17.81 7.98 13.45
N ILE A 20 -17.77 6.91 12.65
CA ILE A 20 -17.73 7.04 11.18
C ILE A 20 -19.04 6.47 10.62
N SER A 21 -19.40 6.88 9.42
CA SER A 21 -20.71 6.56 8.88
C SER A 21 -20.66 5.95 7.51
N CYS A 22 -21.78 5.32 7.14
N CYS A 22 -21.76 5.31 7.14
CA CYS A 22 -21.97 4.56 5.90
CA CYS A 22 -21.96 4.62 5.87
C CYS A 22 -23.42 4.74 5.45
C CYS A 22 -23.43 4.81 5.49
N LYS A 23 -23.66 5.61 4.46
CA LYS A 23 -25.01 5.91 4.01
C LYS A 23 -25.33 5.16 2.73
N GLY A 24 -26.44 4.42 2.73
CA GLY A 24 -26.92 3.75 1.54
C GLY A 24 -27.89 4.61 0.74
N SER A 25 -27.79 4.47 -0.57
CA SER A 25 -28.76 5.10 -1.48
C SER A 25 -29.00 4.24 -2.70
N GLY A 26 -30.12 4.49 -3.38
CA GLY A 26 -30.43 3.74 -4.60
C GLY A 26 -31.02 2.38 -4.38
N TYR A 27 -31.32 2.03 -3.13
CA TYR A 27 -31.94 0.78 -2.77
C TYR A 27 -32.63 0.94 -1.41
N THR A 28 -33.39 -0.08 -1.01
CA THR A 28 -34.12 -0.04 0.22
C THR A 28 -33.20 -0.49 1.37
N VAL A 29 -32.64 0.48 2.07
CA VAL A 29 -31.57 0.23 3.03
C VAL A 29 -32.03 -0.70 4.17
N THR A 30 -33.29 -0.62 4.52
CA THR A 30 -33.83 -1.39 5.63
C THR A 30 -34.13 -2.85 5.30
N SER A 31 -33.84 -3.25 4.08
CA SER A 31 -34.05 -4.64 3.64
C SER A 31 -32.76 -5.49 3.56
N TYR A 32 -31.60 -4.90 3.82
CA TYR A 32 -30.34 -5.61 3.72
C TYR A 32 -29.48 -5.36 4.94
N TRP A 33 -28.70 -6.36 5.31
CA TRP A 33 -27.65 -6.15 6.30
C TRP A 33 -26.49 -5.36 5.72
N ILE A 34 -25.82 -4.62 6.60
N ILE A 34 -25.79 -4.65 6.60
CA ILE A 34 -24.54 -3.99 6.30
CA ILE A 34 -24.53 -3.95 6.27
C ILE A 34 -23.48 -4.64 7.19
C ILE A 34 -23.44 -4.48 7.18
N GLY A 35 -22.30 -4.86 6.61
CA GLY A 35 -21.15 -5.31 7.35
C GLY A 35 -20.07 -4.26 7.37
N TRP A 36 -19.26 -4.30 8.44
CA TRP A 36 -18.05 -3.52 8.57
C TRP A 36 -16.83 -4.39 8.51
N VAL A 37 -15.80 -3.95 7.79
CA VAL A 37 -14.58 -4.72 7.51
C VAL A 37 -13.40 -3.81 7.77
N ARG A 38 -12.44 -4.30 8.52
CA ARG A 38 -11.21 -3.58 8.84
C ARG A 38 -10.08 -4.08 7.96
N GLN A 39 -9.24 -3.16 7.50
CA GLN A 39 -8.04 -3.53 6.75
C GLN A 39 -6.88 -2.68 7.27
N MET A 40 -6.06 -3.31 8.13
CA MET A 40 -4.94 -2.61 8.72
C MET A 40 -3.86 -2.40 7.65
N PRO A 41 -2.97 -1.44 7.87
CA PRO A 41 -1.98 -1.15 6.82
C PRO A 41 -1.15 -2.35 6.45
N GLY A 42 -1.15 -2.65 5.16
CA GLY A 42 -0.40 -3.77 4.62
C GLY A 42 -0.97 -5.14 4.88
N LYS A 43 -2.19 -5.18 5.43
CA LYS A 43 -2.84 -6.44 5.81
C LYS A 43 -4.11 -6.73 5.01
N GLY A 44 -4.72 -7.86 5.31
CA GLY A 44 -5.92 -8.31 4.63
C GLY A 44 -7.20 -7.82 5.27
N LEU A 45 -8.30 -8.40 4.85
CA LEU A 45 -9.63 -7.99 5.26
C LEU A 45 -10.06 -8.75 6.51
N GLU A 46 -10.69 -8.03 7.45
CA GLU A 46 -11.21 -8.64 8.67
C GLU A 46 -12.66 -8.21 8.88
N TRP A 47 -13.56 -9.17 9.04
CA TRP A 47 -14.94 -8.88 9.33
C TRP A 47 -15.08 -8.49 10.81
N MET A 48 -15.75 -7.35 11.02
CA MET A 48 -16.02 -6.77 12.36
C MET A 48 -17.38 -7.08 12.88
N GLY A 49 -18.38 -6.87 12.05
CA GLY A 49 -19.81 -7.14 12.51
C GLY A 49 -20.77 -6.78 11.42
N PHE A 50 -22.01 -7.17 11.64
CA PHE A 50 -23.16 -6.83 10.78
C PHE A 50 -24.21 -6.06 11.59
N ILE A 51 -24.95 -5.19 10.92
CA ILE A 51 -26.18 -4.62 11.47
C ILE A 51 -27.27 -4.64 10.39
N TYR A 52 -28.50 -4.85 10.84
CA TYR A 52 -29.71 -4.78 9.99
C TYR A 52 -30.37 -3.46 10.28
N PRO A 53 -30.17 -2.45 9.42
CA PRO A 53 -30.65 -1.13 9.78
C PRO A 53 -32.14 -1.01 10.05
N GLY A 54 -32.95 -1.89 9.49
CA GLY A 54 -34.38 -1.84 9.74
C GLY A 54 -34.78 -1.99 11.19
N ASP A 55 -33.96 -2.66 11.98
CA ASP A 55 -34.28 -2.83 13.41
C ASP A 55 -33.07 -2.78 14.35
N SER A 56 -31.90 -2.50 13.82
CA SER A 56 -30.66 -2.39 14.57
C SER A 56 -30.19 -3.71 15.21
N GLU A 57 -30.68 -4.84 14.74
CA GLU A 57 -30.10 -6.11 15.15
C GLU A 57 -28.66 -6.16 14.72
N THR A 58 -27.79 -6.60 15.66
CA THR A 58 -26.37 -6.66 15.39
C THR A 58 -25.86 -8.09 15.56
N ARG A 59 -24.87 -8.44 14.76
CA ARG A 59 -24.16 -9.70 14.90
C ARG A 59 -22.68 -9.34 14.80
N TYR A 60 -21.99 -9.31 15.92
CA TYR A 60 -20.58 -8.99 15.96
C TYR A 60 -19.67 -10.18 15.74
N SER A 61 -18.51 -9.94 15.16
CA SER A 61 -17.45 -10.92 15.19
C SER A 61 -16.97 -11.08 16.63
N PRO A 62 -16.60 -12.30 17.01
CA PRO A 62 -16.02 -12.47 18.33
C PRO A 62 -14.80 -11.61 18.62
N THR A 63 -13.98 -11.35 17.60
CA THR A 63 -12.80 -10.52 17.76
C THR A 63 -13.14 -9.08 18.14
N PHE A 64 -14.28 -8.56 17.67
CA PHE A 64 -14.60 -7.15 17.82
C PHE A 64 -15.71 -6.87 18.82
N GLN A 65 -16.43 -7.90 19.21
CA GLN A 65 -17.48 -7.77 20.22
C GLN A 65 -16.90 -7.05 21.44
N GLY A 66 -17.58 -6.00 21.89
CA GLY A 66 -17.15 -5.24 23.08
C GLY A 66 -16.00 -4.26 22.85
N GLN A 67 -15.43 -4.24 21.64
CA GLN A 67 -14.33 -3.32 21.24
C GLN A 67 -14.80 -2.11 20.42
N VAL A 68 -15.93 -2.25 19.75
N VAL A 68 -15.95 -2.25 19.77
CA VAL A 68 -16.49 -1.21 18.89
CA VAL A 68 -16.52 -1.22 18.94
C VAL A 68 -18.00 -1.35 18.98
C VAL A 68 -18.02 -1.32 19.11
N THR A 69 -18.73 -0.28 18.69
CA THR A 69 -20.18 -0.31 18.64
C THR A 69 -20.62 -0.05 17.23
N ILE A 70 -21.47 -0.94 16.72
CA ILE A 70 -22.10 -0.75 15.40
C ILE A 70 -23.53 -0.32 15.63
N SER A 71 -23.95 0.75 14.95
CA SER A 71 -25.30 1.25 15.11
C SER A 71 -25.89 1.73 13.79
N ALA A 72 -27.15 2.13 13.84
CA ALA A 72 -27.81 2.58 12.64
C ALA A 72 -28.87 3.59 12.95
N ASP A 73 -29.07 4.52 12.03
CA ASP A 73 -30.21 5.42 12.06
C ASP A 73 -30.96 5.28 10.76
N LYS A 74 -32.05 4.52 10.81
CA LYS A 74 -32.77 4.19 9.59
C LYS A 74 -33.44 5.41 8.99
N SER A 75 -33.75 6.43 9.79
CA SER A 75 -34.30 7.65 9.22
C SER A 75 -33.32 8.37 8.27
N PHE A 76 -32.02 8.08 8.43
CA PHE A 76 -30.96 8.65 7.60
C PHE A 76 -30.36 7.61 6.65
N ASN A 77 -30.93 6.40 6.62
CA ASN A 77 -30.37 5.31 5.79
C ASN A 77 -28.87 5.10 6.03
N THR A 78 -28.48 5.17 7.29
CA THR A 78 -27.07 5.23 7.66
C THR A 78 -26.71 4.24 8.75
N ALA A 79 -25.58 3.55 8.57
CA ALA A 79 -24.97 2.71 9.61
C ALA A 79 -23.69 3.40 10.08
N PHE A 80 -23.29 3.06 11.30
CA PHE A 80 -22.17 3.71 11.95
C PHE A 80 -21.29 2.69 12.66
N LEU A 81 -20.04 3.08 12.86
CA LEU A 81 -19.06 2.34 13.63
C LEU A 81 -18.43 3.35 14.58
N GLN A 82 -18.36 3.00 15.85
CA GLN A 82 -17.97 3.92 16.94
C GLN A 82 -17.00 3.32 17.89
N TRP A 83 -16.03 4.13 18.32
CA TRP A 83 -15.11 3.79 19.38
C TRP A 83 -15.21 4.86 20.45
N SER A 84 -15.23 4.45 21.72
CA SER A 84 -15.18 5.44 22.78
C SER A 84 -13.76 5.90 23.11
N SER A 85 -12.76 5.05 22.89
CA SER A 85 -11.38 5.39 23.24
C SER A 85 -10.41 4.74 22.25
N LEU A 86 -9.98 5.50 21.26
CA LEU A 86 -9.16 4.96 20.18
C LEU A 86 -7.76 4.60 20.66
N LYS A 87 -7.17 3.61 19.99
CA LYS A 87 -5.79 3.19 20.21
C LYS A 87 -5.05 3.35 18.90
N ALA A 88 -3.74 3.52 18.98
CA ALA A 88 -2.96 3.65 17.74
C ALA A 88 -3.15 2.43 16.84
N SER A 89 -3.34 1.28 17.46
CA SER A 89 -3.58 0.02 16.73
C SER A 89 -4.91 -0.01 15.97
N ASP A 90 -5.79 0.98 16.19
CA ASP A 90 -7.03 1.10 15.40
C ASP A 90 -6.80 1.78 14.03
N THR A 91 -5.57 2.16 13.75
CA THR A 91 -5.21 2.75 12.47
C THR A 91 -5.49 1.72 11.39
N ALA A 92 -6.31 2.06 10.42
CA ALA A 92 -6.79 1.13 9.41
C ALA A 92 -7.72 1.79 8.44
N MET A 93 -7.93 1.11 7.32
CA MET A 93 -9.03 1.44 6.41
C MET A 93 -10.23 0.66 6.91
N TYR A 94 -11.39 1.34 7.00
CA TYR A 94 -12.65 0.69 7.36
C TYR A 94 -13.61 0.74 6.20
N TYR A 95 -14.14 -0.42 5.84
CA TYR A 95 -15.10 -0.55 4.75
C TYR A 95 -16.44 -0.92 5.32
N CYS A 96 -17.48 -0.35 4.72
N CYS A 96 -17.50 -0.34 4.77
CA CYS A 96 -18.85 -0.80 4.87
CA CYS A 96 -18.83 -0.92 4.96
C CYS A 96 -19.13 -1.65 3.62
C CYS A 96 -19.25 -1.53 3.64
N ALA A 97 -20.08 -2.58 3.72
CA ALA A 97 -20.50 -3.32 2.55
C ALA A 97 -21.86 -3.93 2.75
N ARG A 98 -22.67 -3.96 1.72
CA ARG A 98 -23.98 -4.58 1.81
C ARG A 98 -23.87 -6.07 1.66
N VAL A 99 -24.63 -6.81 2.46
CA VAL A 99 -24.72 -8.27 2.32
C VAL A 99 -25.79 -8.58 1.30
N GLY A 100 -25.46 -9.39 0.30
CA GLY A 100 -26.43 -9.73 -0.68
C GLY A 100 -27.62 -10.48 -0.15
N SER A 101 -28.76 -10.23 -0.76
CA SER A 101 -30.00 -10.91 -0.42
C SER A 101 -30.73 -11.17 -1.71
N GLY A 102 -31.08 -12.44 -1.96
CA GLY A 102 -31.68 -12.79 -3.23
C GLY A 102 -30.61 -13.02 -4.26
N TRP A 103 -30.10 -11.93 -4.82
CA TRP A 103 -28.92 -11.95 -5.65
C TRP A 103 -27.66 -12.00 -4.76
N TYR A 104 -26.73 -12.85 -5.14
CA TYR A 104 -25.45 -12.93 -4.46
C TYR A 104 -25.60 -13.11 -2.94
N PRO A 105 -26.45 -14.07 -2.50
CA PRO A 105 -26.73 -14.12 -1.09
C PRO A 105 -25.50 -14.37 -0.21
N TYR A 106 -25.41 -13.63 0.90
CA TYR A 106 -24.41 -13.82 1.95
C TYR A 106 -23.02 -13.29 1.59
N THR A 107 -22.88 -12.71 0.39
CA THR A 107 -21.63 -12.10 -0.03
C THR A 107 -21.74 -10.62 0.17
N PHE A 108 -20.63 -9.91 0.03
CA PHE A 108 -20.63 -8.45 0.03
C PHE A 108 -20.74 -7.96 -1.40
N ASP A 109 -21.95 -7.54 -1.79
CA ASP A 109 -22.23 -7.28 -3.19
C ASP A 109 -22.04 -5.82 -3.60
N ILE A 110 -22.02 -4.93 -2.63
CA ILE A 110 -21.84 -3.51 -2.82
C ILE A 110 -20.90 -3.03 -1.72
N TRP A 111 -19.83 -2.31 -2.06
CA TRP A 111 -18.92 -1.81 -1.07
C TRP A 111 -18.90 -0.30 -1.03
N GLY A 112 -18.73 0.25 0.16
CA GLY A 112 -18.38 1.64 0.27
C GLY A 112 -16.94 1.87 -0.16
N GLN A 113 -16.55 3.14 -0.21
CA GLN A 113 -15.23 3.49 -0.77
C GLN A 113 -14.10 3.40 0.26
N GLY A 114 -14.45 3.19 1.50
CA GLY A 114 -13.53 3.12 2.61
C GLY A 114 -13.38 4.47 3.30
N THR A 115 -13.14 4.37 4.60
CA THR A 115 -12.75 5.49 5.47
C THR A 115 -11.41 5.17 6.09
N MET A 116 -10.40 5.98 5.79
CA MET A 116 -9.09 5.81 6.40
C MET A 116 -9.06 6.50 7.74
N VAL A 117 -8.65 5.76 8.76
CA VAL A 117 -8.53 6.26 10.13
C VAL A 117 -7.09 6.11 10.61
N THR A 118 -6.45 7.22 10.97
CA THR A 118 -5.10 7.20 11.53
C THR A 118 -5.21 7.66 12.95
N VAL A 119 -4.65 6.89 13.88
CA VAL A 119 -4.62 7.24 15.29
C VAL A 119 -3.16 7.28 15.73
N SER A 120 -2.76 8.46 16.19
CA SER A 120 -1.38 8.72 16.57
C SER A 120 -1.30 9.86 17.56
N SER A 121 -0.27 9.81 18.40
N SER A 121 -0.29 9.83 18.43
CA SER A 121 0.06 10.88 19.33
CA SER A 121 -0.01 10.95 19.33
C SER A 121 0.72 12.07 18.63
C SER A 121 0.72 12.09 18.63
N ALA A 122 1.15 11.87 17.39
CA ALA A 122 1.85 12.93 16.65
C ALA A 122 0.93 14.08 16.38
N SER A 123 1.53 15.22 16.13
N SER A 123 1.49 15.28 16.28
CA SER A 123 0.83 16.42 15.79
CA SER A 123 0.73 16.44 15.83
C SER A 123 1.20 16.85 14.39
C SER A 123 1.18 16.88 14.44
N THR A 124 0.29 17.60 13.77
CA THR A 124 0.51 18.10 12.43
C THR A 124 1.83 18.83 12.34
N LYS A 125 2.61 18.46 11.32
CA LYS A 125 3.95 19.01 11.12
C LYS A 125 4.27 18.97 9.65
N GLY A 126 4.75 20.07 9.05
CA GLY A 126 5.20 20.06 7.68
C GLY A 126 6.61 19.49 7.52
N PRO A 127 6.89 18.99 6.32
CA PRO A 127 8.17 18.37 6.06
C PRO A 127 9.31 19.38 5.88
N SER A 128 10.51 18.85 6.10
CA SER A 128 11.74 19.46 5.64
C SER A 128 12.13 18.78 4.34
N VAL A 129 12.61 19.53 3.38
CA VAL A 129 12.92 18.95 2.09
C VAL A 129 14.41 19.13 1.86
N PHE A 130 15.07 18.02 1.53
CA PHE A 130 16.52 17.99 1.31
C PHE A 130 16.83 17.42 -0.07
N PRO A 131 17.93 17.90 -0.70
CA PRO A 131 18.27 17.38 -2.01
C PRO A 131 18.95 16.01 -1.89
N LEU A 132 18.68 15.19 -2.88
CA LEU A 132 19.43 13.95 -3.19
C LEU A 132 20.20 14.31 -4.46
N ALA A 133 21.41 14.80 -4.27
CA ALA A 133 22.11 15.45 -5.39
C ALA A 133 22.72 14.43 -6.33
N PRO A 134 22.74 14.71 -7.65
CA PRO A 134 23.31 13.76 -8.60
C PRO A 134 24.80 13.62 -8.37
N SER A 135 25.28 12.37 -8.42
CA SER A 135 26.67 12.00 -8.10
C SER A 135 27.62 12.64 -9.05
N SER A 136 28.79 13.03 -8.53
CA SER A 136 29.87 13.54 -9.36
C SER A 136 30.47 12.43 -10.24
N LYS A 137 30.26 11.17 -9.84
CA LYS A 137 30.72 10.02 -10.64
C LYS A 137 29.72 9.60 -11.74
N SER A 138 28.61 10.34 -11.91
CA SER A 138 27.55 9.98 -12.88
C SER A 138 28.19 9.70 -14.23
N THR A 139 27.77 8.60 -14.86
CA THR A 139 28.40 8.12 -16.10
C THR A 139 28.21 9.13 -17.24
N SER A 140 29.34 9.53 -17.82
CA SER A 140 29.38 10.48 -18.92
C SER A 140 28.61 9.87 -20.12
N GLY A 141 27.66 10.63 -20.66
CA GLY A 141 26.80 10.15 -21.75
C GLY A 141 25.79 9.09 -21.31
N GLY A 142 25.67 8.93 -19.99
CA GLY A 142 24.82 7.91 -19.43
C GLY A 142 23.67 8.54 -18.69
N THR A 143 23.28 7.88 -17.61
CA THR A 143 22.07 8.21 -16.87
C THR A 143 22.43 8.56 -15.44
N ALA A 144 21.86 9.64 -14.95
CA ALA A 144 22.07 10.08 -13.58
C ALA A 144 20.75 10.02 -12.81
N ALA A 145 20.86 9.85 -11.50
CA ALA A 145 19.71 9.91 -10.61
C ALA A 145 19.83 11.09 -9.64
N LEU A 146 18.71 11.74 -9.37
CA LEU A 146 18.67 12.79 -8.40
C LEU A 146 17.30 12.74 -7.73
N GLY A 147 17.10 13.51 -6.69
CA GLY A 147 15.81 13.48 -6.01
C GLY A 147 15.68 14.44 -4.88
N CYS A 148 14.59 14.29 -4.15
N CYS A 148 14.59 14.31 -4.14
CA CYS A 148 14.31 15.07 -2.95
CA CYS A 148 14.42 15.07 -2.92
C CYS A 148 13.90 14.09 -1.85
C CYS A 148 13.85 14.17 -1.83
N LEU A 149 14.40 14.34 -0.64
CA LEU A 149 13.99 13.62 0.57
C LEU A 149 13.06 14.56 1.31
N VAL A 150 11.85 14.08 1.56
CA VAL A 150 10.77 14.81 2.20
C VAL A 150 10.58 14.22 3.57
N LYS A 151 11.18 14.84 4.57
CA LYS A 151 11.34 14.23 5.89
C LYS A 151 10.48 14.86 6.97
N ASP A 152 9.94 14.01 7.84
CA ASP A 152 9.42 14.39 9.15
C ASP A 152 8.13 15.20 9.06
N TYR A 153 7.11 14.60 8.47
CA TYR A 153 5.80 15.26 8.37
C TYR A 153 4.69 14.37 8.93
N PHE A 154 3.57 15.02 9.26
CA PHE A 154 2.40 14.31 9.74
C PHE A 154 1.21 15.22 9.57
N PRO A 155 0.04 14.67 9.23
CA PRO A 155 -0.24 13.32 8.79
C PRO A 155 0.07 13.18 7.31
N GLU A 156 -0.19 12.03 6.71
N GLU A 156 -0.22 12.03 6.73
CA GLU A 156 -0.12 11.95 5.26
CA GLU A 156 -0.23 11.90 5.28
C GLU A 156 -1.30 12.75 4.71
C GLU A 156 -1.33 12.78 4.72
N PRO A 157 -1.24 13.13 3.42
CA PRO A 157 -0.20 12.92 2.46
C PRO A 157 0.63 14.14 2.08
N VAL A 158 1.73 13.90 1.41
CA VAL A 158 2.45 14.96 0.69
C VAL A 158 2.31 14.64 -0.79
N THR A 159 2.28 15.70 -1.60
CA THR A 159 2.40 15.52 -3.05
C THR A 159 3.72 16.11 -3.53
N VAL A 160 4.29 15.48 -4.54
CA VAL A 160 5.52 15.92 -5.17
C VAL A 160 5.39 15.95 -6.67
N SER A 161 5.80 17.04 -7.29
CA SER A 161 5.99 17.10 -8.72
C SER A 161 7.40 17.58 -8.99
N TRP A 162 7.79 17.49 -10.25
CA TRP A 162 9.11 17.94 -10.70
C TRP A 162 8.91 18.96 -11.81
N ASN A 163 9.63 20.06 -11.73
CA ASN A 163 9.55 21.10 -12.74
C ASN A 163 8.11 21.52 -13.04
N SER A 164 7.32 21.65 -11.97
CA SER A 164 5.96 22.15 -12.05
C SER A 164 5.08 21.27 -12.90
N GLY A 165 5.45 20.00 -12.97
CA GLY A 165 4.67 19.00 -13.70
C GLY A 165 5.21 18.72 -15.08
N ALA A 166 6.23 19.45 -15.49
CA ALA A 166 6.80 19.27 -16.82
C ALA A 166 7.68 18.04 -16.95
N LEU A 167 8.20 17.55 -15.82
CA LEU A 167 9.05 16.37 -15.80
C LEU A 167 8.27 15.24 -15.11
N THR A 168 7.91 14.21 -15.87
CA THR A 168 7.22 13.04 -15.34
C THR A 168 7.90 11.72 -15.69
N SER A 169 8.56 11.63 -16.82
N SER A 169 8.56 11.66 -16.83
CA SER A 169 9.17 10.36 -17.19
CA SER A 169 9.27 10.45 -17.26
C SER A 169 10.37 10.10 -16.31
C SER A 169 10.35 10.15 -16.23
N GLY A 170 10.45 8.88 -15.80
CA GLY A 170 11.54 8.49 -14.96
C GLY A 170 11.37 8.84 -13.51
N VAL A 171 10.24 9.44 -13.14
CA VAL A 171 10.02 9.84 -11.75
C VAL A 171 9.45 8.65 -10.95
N HIS A 172 10.00 8.43 -9.73
CA HIS A 172 9.43 7.52 -8.75
C HIS A 172 9.28 8.25 -7.46
N THR A 173 8.05 8.45 -7.03
CA THR A 173 7.79 8.98 -5.73
C THR A 173 7.35 7.83 -4.84
N PHE A 174 8.21 7.51 -3.87
CA PHE A 174 8.00 6.31 -3.06
C PHE A 174 6.86 6.44 -2.09
N PRO A 175 6.19 5.34 -1.76
CA PRO A 175 5.27 5.34 -0.60
C PRO A 175 5.97 5.82 0.64
N ALA A 176 5.28 6.61 1.46
CA ALA A 176 5.86 7.06 2.71
C ALA A 176 6.09 5.93 3.68
N VAL A 177 7.12 6.10 4.51
N VAL A 177 7.03 6.11 4.58
CA VAL A 177 7.40 5.22 5.65
CA VAL A 177 7.22 5.15 5.64
C VAL A 177 7.06 5.97 6.93
C VAL A 177 7.16 5.90 6.95
N LEU A 178 6.54 5.24 7.92
CA LEU A 178 6.34 5.78 9.24
C LEU A 178 7.59 5.50 10.05
N GLN A 179 8.21 6.56 10.51
CA GLN A 179 9.44 6.45 11.32
C GLN A 179 9.11 6.15 12.78
N SER A 180 10.11 5.72 13.57
CA SER A 180 9.89 5.43 14.98
C SER A 180 9.52 6.68 15.77
N SER A 181 9.80 7.86 15.23
CA SER A 181 9.36 9.13 15.82
C SER A 181 7.87 9.40 15.71
N GLY A 182 7.17 8.62 14.89
CA GLY A 182 5.76 8.88 14.61
C GLY A 182 5.52 9.82 13.43
N LEU A 183 6.60 10.27 12.80
CA LEU A 183 6.50 11.13 11.63
C LEU A 183 6.81 10.33 10.38
N TYR A 184 6.21 10.76 9.28
CA TYR A 184 6.43 10.12 7.99
C TYR A 184 7.60 10.73 7.23
N SER A 185 8.09 9.97 6.26
N SER A 185 8.17 9.95 6.33
CA SER A 185 9.21 10.36 5.42
CA SER A 185 9.10 10.49 5.36
C SER A 185 9.13 9.65 4.06
C SER A 185 8.94 9.73 4.05
N LEU A 186 9.36 10.37 2.97
CA LEU A 186 9.45 9.72 1.68
C LEU A 186 10.52 10.39 0.85
N SER A 187 10.98 9.70 -0.21
N SER A 187 10.89 9.75 -0.25
CA SER A 187 11.84 10.30 -1.24
CA SER A 187 11.70 10.42 -1.24
C SER A 187 11.15 10.23 -2.59
C SER A 187 11.01 10.34 -2.57
N SER A 188 11.42 11.24 -3.43
CA SER A 188 11.03 11.23 -4.81
C SER A 188 12.31 11.32 -5.63
N VAL A 189 12.48 10.44 -6.58
CA VAL A 189 13.68 10.45 -7.40
C VAL A 189 13.30 10.49 -8.87
N VAL A 190 14.28 10.85 -9.69
CA VAL A 190 14.12 10.83 -11.14
C VAL A 190 15.47 10.50 -11.77
N THR A 191 15.44 9.77 -12.87
CA THR A 191 16.65 9.51 -13.64
C THR A 191 16.59 10.40 -14.89
N VAL A 192 17.72 11.02 -15.21
CA VAL A 192 17.83 11.97 -16.31
C VAL A 192 19.16 11.71 -17.05
N PRO A 193 19.28 12.26 -18.26
CA PRO A 193 20.59 12.11 -18.92
C PRO A 193 21.67 12.86 -18.13
N SER A 194 22.82 12.23 -17.89
CA SER A 194 23.96 12.91 -17.28
C SER A 194 24.35 14.20 -18.01
N SER A 195 24.22 14.22 -19.32
CA SER A 195 24.59 15.41 -20.08
C SER A 195 23.70 16.62 -19.82
N SER A 196 22.52 16.39 -19.24
CA SER A 196 21.58 17.46 -18.95
C SER A 196 21.90 18.17 -17.63
N LEU A 197 22.78 17.61 -16.80
CA LEU A 197 23.02 18.14 -15.47
C LEU A 197 23.58 19.56 -15.45
N GLY A 198 24.30 19.92 -16.52
CA GLY A 198 24.85 21.28 -16.61
C GLY A 198 23.88 22.33 -17.12
N THR A 199 22.85 21.88 -17.84
CA THR A 199 22.01 22.80 -18.62
C THR A 199 20.55 22.81 -18.17
N GLN A 200 20.06 21.68 -17.66
CA GLN A 200 18.66 21.59 -17.23
C GLN A 200 18.51 21.78 -15.72
N THR A 201 17.58 22.66 -15.34
N THR A 201 17.61 22.68 -15.32
CA THR A 201 17.22 22.91 -13.94
CA THR A 201 17.26 22.85 -13.90
C THR A 201 16.23 21.83 -13.47
C THR A 201 16.28 21.76 -13.50
N TYR A 202 16.45 21.27 -12.28
CA TYR A 202 15.57 20.26 -11.71
C TYR A 202 15.10 20.80 -10.36
N ILE A 203 13.79 20.98 -10.22
CA ILE A 203 13.20 21.48 -8.99
C ILE A 203 12.09 20.54 -8.58
N CYS A 204 12.12 20.03 -7.35
N CYS A 204 12.10 20.15 -7.31
CA CYS A 204 10.97 19.30 -6.84
CA CYS A 204 11.07 19.30 -6.72
C CYS A 204 10.06 20.29 -6.16
C CYS A 204 10.05 20.17 -5.96
N ASN A 205 8.76 20.07 -6.35
CA ASN A 205 7.70 20.91 -5.80
C ASN A 205 6.94 20.04 -4.79
N VAL A 206 6.98 20.40 -3.53
CA VAL A 206 6.39 19.62 -2.47
C VAL A 206 5.26 20.41 -1.83
N ASN A 207 4.11 19.74 -1.62
CA ASN A 207 2.99 20.35 -0.90
C ASN A 207 2.49 19.40 0.17
N HIS A 208 2.39 19.92 1.38
CA HIS A 208 1.78 19.22 2.51
C HIS A 208 0.59 20.05 2.96
N LYS A 209 -0.58 19.71 2.40
CA LYS A 209 -1.75 20.52 2.70
C LYS A 209 -2.12 20.55 4.18
N PRO A 210 -2.00 19.42 4.90
CA PRO A 210 -2.40 19.52 6.29
C PRO A 210 -1.73 20.59 7.17
N SER A 211 -0.49 20.96 6.84
CA SER A 211 0.24 21.98 7.55
C SER A 211 0.40 23.26 6.74
N ASN A 212 -0.18 23.22 5.54
N ASN A 212 -0.20 23.30 5.55
CA ASN A 212 -0.09 24.31 4.58
CA ASN A 212 -0.01 24.48 4.70
C ASN A 212 1.35 24.69 4.28
C ASN A 212 1.48 24.72 4.46
N THR A 213 2.20 23.67 4.09
CA THR A 213 3.64 23.80 3.80
C THR A 213 3.88 23.50 2.35
N LYS A 214 4.40 24.48 1.62
N LYS A 214 4.28 24.51 1.58
CA LYS A 214 4.67 24.37 0.22
CA LYS A 214 4.73 24.35 0.20
C LYS A 214 6.13 24.78 0.00
C LYS A 214 6.19 24.73 0.10
N VAL A 215 6.94 23.89 -0.59
CA VAL A 215 8.38 24.10 -0.78
C VAL A 215 8.81 23.73 -2.16
N ASP A 216 9.70 24.51 -2.76
CA ASP A 216 10.37 24.15 -4.02
C ASP A 216 11.85 24.02 -3.73
N LYS A 217 12.43 22.87 -4.08
N LYS A 217 12.45 22.89 -4.11
CA LYS A 217 13.86 22.58 -3.87
CA LYS A 217 13.86 22.66 -3.85
C LYS A 217 14.56 22.39 -5.21
C LYS A 217 14.59 22.37 -5.15
N LYS A 218 15.53 23.24 -5.50
CA LYS A 218 16.41 23.05 -6.66
C LYS A 218 17.48 22.05 -6.28
N VAL A 219 17.64 21.04 -7.12
CA VAL A 219 18.59 19.94 -6.89
C VAL A 219 19.66 20.01 -7.97
N GLU A 220 20.91 20.17 -7.56
CA GLU A 220 21.98 20.31 -8.52
C GLU A 220 23.22 19.57 -8.07
N PRO A 221 24.16 19.34 -8.99
CA PRO A 221 25.39 18.68 -8.60
C PRO A 221 26.18 19.52 -7.61
N LYS A 222 26.87 18.88 -6.67
CA LYS A 222 27.81 19.60 -5.78
C LYS A 222 29.05 20.05 -6.54
N GLU B 1 -13.74 -20.35 14.64
CA GLU B 1 -14.03 -19.85 13.27
C GLU B 1 -13.25 -20.65 12.23
N ILE B 2 -13.82 -20.75 11.04
CA ILE B 2 -13.22 -21.54 9.97
C ILE B 2 -12.07 -20.74 9.39
N VAL B 3 -10.90 -21.36 9.31
CA VAL B 3 -9.69 -20.71 8.84
C VAL B 3 -9.55 -20.97 7.34
N MET B 4 -9.41 -19.90 6.59
CA MET B 4 -9.22 -19.92 5.16
C MET B 4 -7.75 -19.61 4.86
N THR B 5 -7.11 -20.50 4.10
CA THR B 5 -5.69 -20.39 3.78
C THR B 5 -5.52 -20.32 2.29
N GLN B 6 -5.03 -19.20 1.79
CA GLN B 6 -4.74 -19.01 0.38
C GLN B 6 -3.30 -19.29 0.04
N SER B 7 -3.09 -19.78 -1.17
N SER B 7 -3.10 -19.79 -1.18
CA SER B 7 -1.76 -20.01 -1.68
CA SER B 7 -1.78 -20.09 -1.70
C SER B 7 -1.74 -19.82 -3.19
C SER B 7 -1.75 -19.78 -3.20
N PRO B 8 -0.58 -19.38 -3.73
CA PRO B 8 0.60 -18.96 -2.98
C PRO B 8 0.33 -17.53 -2.45
N ALA B 9 1.23 -17.00 -1.65
CA ALA B 9 1.12 -15.62 -1.20
C ALA B 9 1.20 -14.63 -2.37
N THR B 10 2.15 -14.87 -3.26
CA THR B 10 2.33 -14.08 -4.47
C THR B 10 2.44 -15.03 -5.64
N LEU B 11 1.67 -14.74 -6.69
CA LEU B 11 1.70 -15.51 -7.94
C LEU B 11 2.19 -14.56 -9.04
N SER B 12 3.22 -14.95 -9.77
CA SER B 12 3.79 -14.18 -10.86
C SER B 12 3.44 -14.84 -12.17
N VAL B 13 2.68 -14.17 -13.01
CA VAL B 13 2.23 -14.74 -14.28
C VAL B 13 2.37 -13.70 -15.39
N SER B 14 2.76 -14.16 -16.58
CA SER B 14 2.92 -13.28 -17.71
C SER B 14 1.58 -12.92 -18.31
N PRO B 15 1.47 -11.70 -18.86
CA PRO B 15 0.21 -11.34 -19.49
C PRO B 15 -0.13 -12.34 -20.59
N GLY B 16 -1.41 -12.63 -20.72
CA GLY B 16 -1.88 -13.58 -21.70
C GLY B 16 -1.86 -15.03 -21.24
N GLU B 17 -1.23 -15.30 -20.10
CA GLU B 17 -1.13 -16.69 -19.61
C GLU B 17 -2.19 -16.96 -18.53
N ARG B 18 -2.23 -18.19 -18.04
CA ARG B 18 -3.25 -18.62 -17.07
C ARG B 18 -2.72 -18.55 -15.67
N ALA B 19 -3.56 -18.05 -14.74
CA ALA B 19 -3.21 -18.01 -13.31
C ALA B 19 -4.20 -18.90 -12.56
N THR B 20 -3.70 -19.69 -11.62
CA THR B 20 -4.59 -20.50 -10.75
C THR B 20 -4.25 -20.20 -9.31
N LEU B 21 -5.23 -19.66 -8.59
CA LEU B 21 -5.10 -19.27 -7.20
C LEU B 21 -5.84 -20.30 -6.37
N SER B 22 -5.33 -20.63 -5.19
CA SER B 22 -5.90 -21.69 -4.37
C SER B 22 -6.38 -21.15 -3.01
N CYS B 23 -7.44 -21.76 -2.48
N CYS B 23 -7.38 -21.83 -2.50
CA CYS B 23 -7.96 -21.39 -1.13
CA CYS B 23 -8.01 -21.52 -1.23
C CYS B 23 -8.50 -22.67 -0.48
C CYS B 23 -8.28 -22.87 -0.56
N ARG B 24 -8.01 -22.94 0.73
CA ARG B 24 -8.32 -24.12 1.53
C ARG B 24 -9.07 -23.71 2.77
N ALA B 25 -10.14 -24.43 3.11
CA ALA B 25 -10.89 -24.21 4.35
C ALA B 25 -10.52 -25.25 5.39
N SER B 26 -10.49 -24.84 6.66
CA SER B 26 -10.17 -25.79 7.75
C SER B 26 -11.29 -26.82 8.05
N GLU B 27 -12.50 -26.56 7.56
CA GLU B 27 -13.68 -27.44 7.73
C GLU B 27 -14.40 -27.37 6.41
N SER B 28 -15.23 -28.36 6.10
N SER B 28 -15.23 -28.36 6.13
CA SER B 28 -16.00 -28.28 4.86
CA SER B 28 -16.04 -28.37 4.90
C SER B 28 -16.93 -27.10 4.90
C SER B 28 -17.04 -27.24 4.86
N ILE B 29 -17.05 -26.47 3.75
CA ILE B 29 -17.95 -25.34 3.58
C ILE B 29 -18.86 -25.52 2.35
N SER B 30 -19.02 -26.76 1.91
N SER B 30 -18.99 -26.75 1.88
CA SER B 30 -19.78 -27.06 0.70
CA SER B 30 -19.78 -27.05 0.70
C SER B 30 -19.30 -26.13 -0.43
C SER B 30 -19.33 -26.18 -0.47
N SER B 31 -20.19 -25.33 -1.01
CA SER B 31 -19.81 -24.40 -2.09
C SER B 31 -19.95 -22.97 -1.61
N ASN B 32 -19.97 -22.75 -0.30
CA ASN B 32 -20.23 -21.42 0.28
C ASN B 32 -18.97 -20.56 0.37
N LEU B 33 -18.48 -20.18 -0.80
CA LEU B 33 -17.16 -19.55 -0.97
C LEU B 33 -17.27 -18.46 -2.06
N ALA B 34 -16.77 -17.27 -1.72
CA ALA B 34 -16.73 -16.14 -2.66
C ALA B 34 -15.28 -15.70 -2.84
N TRP B 35 -15.01 -15.03 -3.96
CA TRP B 35 -13.73 -14.42 -4.24
C TRP B 35 -13.91 -12.96 -4.58
N TYR B 36 -13.02 -12.13 -4.02
CA TYR B 36 -13.01 -10.71 -4.26
C TYR B 36 -11.66 -10.30 -4.85
N GLN B 37 -11.70 -9.31 -5.73
CA GLN B 37 -10.50 -8.64 -6.23
C GLN B 37 -10.33 -7.30 -5.54
N GLN B 38 -9.12 -6.95 -5.19
CA GLN B 38 -8.83 -5.63 -4.64
C GLN B 38 -7.57 -5.04 -5.23
N LYS B 39 -7.70 -3.82 -5.70
CA LYS B 39 -6.53 -3.08 -6.22
C LYS B 39 -6.11 -2.04 -5.26
N PRO B 40 -4.83 -1.59 -5.34
CA PRO B 40 -4.35 -0.65 -4.33
C PRO B 40 -5.17 0.61 -4.22
N GLY B 41 -5.57 0.97 -3.02
CA GLY B 41 -6.32 2.19 -2.82
C GLY B 41 -7.82 2.05 -2.98
N GLN B 42 -8.31 0.91 -3.50
CA GLN B 42 -9.69 0.73 -3.88
C GLN B 42 -10.39 -0.33 -3.02
N ALA B 43 -11.70 -0.26 -2.88
CA ALA B 43 -12.48 -1.29 -2.24
C ALA B 43 -12.43 -2.63 -2.97
N PRO B 44 -12.58 -3.73 -2.25
CA PRO B 44 -12.78 -5.00 -2.88
C PRO B 44 -14.03 -5.04 -3.71
N ARG B 45 -14.06 -5.96 -4.63
CA ARG B 45 -15.21 -6.16 -5.51
C ARG B 45 -15.45 -7.66 -5.66
N LEU B 46 -16.72 -8.08 -5.55
CA LEU B 46 -17.10 -9.48 -5.74
C LEU B 46 -16.92 -9.92 -7.17
N PHE B 47 -16.20 -11.04 -7.34
CA PHE B 47 -15.98 -11.65 -8.66
C PHE B 47 -16.67 -13.00 -8.84
N ILE B 48 -16.57 -13.88 -7.85
CA ILE B 48 -17.16 -15.22 -7.91
C ILE B 48 -17.90 -15.48 -6.64
N TYR B 49 -19.01 -16.16 -6.70
CA TYR B 49 -19.73 -16.58 -5.50
C TYR B 49 -20.24 -17.99 -5.71
N THR B 50 -20.72 -18.61 -4.63
N THR B 50 -20.68 -18.61 -4.62
CA THR B 50 -21.07 -20.04 -4.61
CA THR B 50 -21.05 -20.03 -4.58
C THR B 50 -20.02 -20.89 -5.37
C THR B 50 -20.03 -20.92 -5.30
N ALA B 51 -18.75 -20.60 -5.08
CA ALA B 51 -17.58 -21.32 -5.58
C ALA B 51 -17.28 -21.19 -7.07
N SER B 52 -18.28 -21.12 -7.93
CA SER B 52 -18.05 -21.21 -9.36
C SER B 52 -18.86 -20.25 -10.20
N THR B 53 -19.64 -19.36 -9.60
CA THR B 53 -20.54 -18.50 -10.39
C THR B 53 -19.99 -17.09 -10.47
N ARG B 54 -19.89 -16.56 -11.65
CA ARG B 54 -19.39 -15.21 -11.86
C ARG B 54 -20.46 -14.18 -11.49
N ALA B 55 -20.05 -13.07 -10.90
N ALA B 55 -19.99 -13.11 -10.84
CA ALA B 55 -20.99 -11.95 -10.79
CA ALA B 55 -20.82 -12.02 -10.36
C ALA B 55 -21.27 -11.41 -12.20
C ALA B 55 -21.02 -10.97 -11.46
N THR B 56 -22.29 -10.56 -12.32
N THR B 56 -21.56 -9.80 -11.08
CA THR B 56 -22.76 -10.12 -13.63
CA THR B 56 -22.03 -8.80 -12.04
C THR B 56 -21.75 -9.45 -14.58
C THR B 56 -20.90 -8.30 -12.91
N ASP B 57 -20.91 -8.55 -14.11
N ASP B 57 -21.07 -8.45 -14.23
CA ASP B 57 -20.03 -7.83 -15.06
CA ASP B 57 -20.13 -7.97 -15.27
C ASP B 57 -18.74 -8.62 -15.38
C ASP B 57 -18.69 -8.46 -15.09
N ILE B 58 -18.55 -9.72 -14.67
CA ILE B 58 -17.24 -10.36 -14.57
C ILE B 58 -16.94 -11.14 -15.87
N PRO B 59 -15.78 -10.86 -16.50
CA PRO B 59 -15.51 -11.49 -17.80
C PRO B 59 -15.35 -13.01 -17.74
N ALA B 60 -15.64 -13.69 -18.86
CA ALA B 60 -15.64 -15.13 -18.90
C ALA B 60 -14.26 -15.78 -18.63
N ARG B 61 -13.16 -15.01 -18.74
CA ARG B 61 -11.86 -15.57 -18.44
C ARG B 61 -11.67 -15.92 -16.95
N PHE B 62 -12.57 -15.42 -16.10
CA PHE B 62 -12.55 -15.77 -14.68
C PHE B 62 -13.47 -16.94 -14.41
N SER B 63 -12.96 -17.94 -13.71
CA SER B 63 -13.79 -19.06 -13.28
C SER B 63 -13.35 -19.52 -11.92
N GLY B 64 -14.21 -20.26 -11.26
CA GLY B 64 -13.89 -20.85 -9.99
C GLY B 64 -14.38 -22.25 -9.96
N SER B 65 -13.71 -23.08 -9.17
N SER B 65 -13.78 -23.04 -9.09
CA SER B 65 -14.23 -24.41 -8.90
CA SER B 65 -14.13 -24.44 -8.98
C SER B 65 -13.84 -24.89 -7.51
C SER B 65 -13.74 -24.99 -7.60
N GLY B 66 -14.50 -25.96 -7.11
CA GLY B 66 -14.19 -26.64 -5.87
C GLY B 66 -15.40 -26.75 -5.00
N SER B 67 -15.31 -27.63 -4.02
CA SER B 67 -16.32 -27.83 -3.00
C SER B 67 -15.65 -28.50 -1.81
N GLY B 68 -16.25 -28.36 -0.64
CA GLY B 68 -15.73 -29.00 0.56
C GLY B 68 -14.69 -28.13 1.21
N THR B 69 -13.42 -28.52 1.07
CA THR B 69 -12.32 -27.78 1.67
C THR B 69 -11.31 -27.17 0.69
N GLU B 70 -11.41 -27.44 -0.60
CA GLU B 70 -10.43 -26.96 -1.57
C GLU B 70 -11.09 -26.30 -2.75
N PHE B 71 -10.58 -25.11 -3.08
CA PHE B 71 -11.15 -24.25 -4.08
C PHE B 71 -10.06 -23.57 -4.89
N THR B 72 -10.39 -23.23 -6.11
CA THR B 72 -9.52 -22.47 -6.98
C THR B 72 -10.27 -21.38 -7.70
N LEU B 73 -9.54 -20.30 -8.02
CA LEU B 73 -9.94 -19.29 -8.94
C LEU B 73 -8.93 -19.33 -10.09
N THR B 74 -9.43 -19.41 -11.30
CA THR B 74 -8.57 -19.46 -12.48
C THR B 74 -8.87 -18.24 -13.33
N ILE B 75 -7.82 -17.65 -13.87
CA ILE B 75 -7.96 -16.56 -14.83
C ILE B 75 -7.22 -17.05 -16.05
N SER B 76 -7.97 -17.36 -17.11
N SER B 76 -7.92 -17.19 -17.16
CA SER B 76 -7.48 -18.23 -18.20
CA SER B 76 -7.25 -17.46 -18.41
C SER B 76 -6.55 -17.50 -19.16
C SER B 76 -6.83 -16.12 -19.04
N SER B 77 -6.77 -16.19 -19.33
N SER B 77 -5.83 -16.16 -19.92
CA SER B 77 -5.83 -15.36 -20.08
CA SER B 77 -5.52 -15.00 -20.73
C SER B 77 -5.71 -13.98 -19.46
C SER B 77 -5.41 -13.71 -19.91
N LEU B 78 -4.56 -13.71 -18.86
CA LEU B 78 -4.44 -12.54 -18.00
C LEU B 78 -4.33 -11.24 -18.76
N GLN B 79 -5.15 -10.27 -18.36
CA GLN B 79 -5.13 -8.93 -18.93
C GLN B 79 -4.53 -8.00 -17.88
N SER B 80 -4.04 -6.84 -18.32
N SER B 80 -4.05 -6.85 -18.33
CA SER B 80 -3.35 -5.93 -17.40
CA SER B 80 -3.41 -5.88 -17.45
C SER B 80 -4.21 -5.52 -16.19
C SER B 80 -4.22 -5.58 -16.19
N GLU B 81 -5.52 -5.41 -16.38
CA GLU B 81 -6.42 -4.98 -15.29
C GLU B 81 -6.66 -6.08 -14.26
N ASP B 82 -6.19 -7.30 -14.54
CA ASP B 82 -6.40 -8.46 -13.65
C ASP B 82 -5.36 -8.61 -12.54
N PHE B 83 -4.24 -7.89 -12.67
CA PHE B 83 -3.19 -7.99 -11.69
C PHE B 83 -3.64 -7.16 -10.48
N ALA B 84 -3.70 -7.83 -9.33
CA ALA B 84 -4.40 -7.35 -8.15
C ALA B 84 -4.20 -8.36 -7.01
N VAL B 85 -4.79 -8.06 -5.86
CA VAL B 85 -4.89 -9.02 -4.74
C VAL B 85 -6.26 -9.65 -4.79
N TYR B 86 -6.34 -10.95 -4.53
CA TYR B 86 -7.61 -11.67 -4.50
C TYR B 86 -7.77 -12.32 -3.15
N TYR B 87 -8.96 -12.18 -2.56
CA TYR B 87 -9.31 -12.75 -1.26
C TYR B 87 -10.46 -13.69 -1.44
N CYS B 88 -10.40 -14.81 -0.75
CA CYS B 88 -11.55 -15.73 -0.64
C CYS B 88 -12.28 -15.43 0.65
N GLN B 89 -13.55 -15.80 0.72
CA GLN B 89 -14.42 -15.54 1.88
C GLN B 89 -15.36 -16.73 1.99
N GLN B 90 -15.41 -17.38 3.14
CA GLN B 90 -16.41 -18.40 3.37
C GLN B 90 -17.65 -17.84 4.09
N TYR B 91 -18.79 -18.47 3.82
CA TYR B 91 -20.05 -18.15 4.44
C TYR B 91 -20.88 -19.40 4.71
N ASN B 92 -20.24 -20.46 5.20
CA ASN B 92 -20.94 -21.72 5.41
C ASN B 92 -22.16 -21.59 6.32
N ASN B 93 -22.04 -20.85 7.40
CA ASN B 93 -23.16 -20.60 8.29
C ASN B 93 -23.18 -19.11 8.62
N TRP B 94 -23.64 -18.33 7.66
CA TRP B 94 -23.74 -16.90 7.82
C TRP B 94 -24.60 -16.65 9.04
N PRO B 95 -24.26 -15.64 9.88
CA PRO B 95 -23.25 -14.57 9.76
C PRO B 95 -21.81 -14.86 10.09
N SER B 96 -21.49 -16.12 10.39
CA SER B 96 -20.10 -16.43 10.69
C SER B 96 -19.39 -16.47 9.37
N ILE B 97 -18.58 -15.45 9.09
CA ILE B 97 -17.78 -15.41 7.87
C ILE B 97 -16.33 -15.21 8.24
N THR B 98 -15.44 -15.62 7.34
CA THR B 98 -14.01 -15.40 7.47
C THR B 98 -13.43 -15.24 6.07
N PHE B 99 -12.30 -14.53 6.00
CA PHE B 99 -11.54 -14.28 4.79
C PHE B 99 -10.19 -15.00 4.81
N GLY B 100 -9.73 -15.41 3.64
CA GLY B 100 -8.34 -15.81 3.43
C GLY B 100 -7.45 -14.58 3.53
N GLN B 101 -6.15 -14.78 3.62
CA GLN B 101 -5.23 -13.67 3.79
C GLN B 101 -4.74 -13.02 2.51
N GLY B 102 -5.26 -13.47 1.40
CA GLY B 102 -4.99 -12.88 0.11
C GLY B 102 -3.85 -13.50 -0.65
N THR B 103 -3.95 -13.41 -1.97
CA THR B 103 -2.89 -13.77 -2.91
C THR B 103 -2.71 -12.56 -3.81
N ARG B 104 -1.47 -12.07 -3.88
CA ARG B 104 -1.11 -11.01 -4.84
C ARG B 104 -0.70 -11.61 -6.17
N LEU B 105 -1.38 -11.22 -7.22
CA LEU B 105 -1.07 -11.64 -8.58
C LEU B 105 -0.35 -10.50 -9.26
N GLU B 106 0.93 -10.71 -9.57
CA GLU B 106 1.76 -9.70 -10.20
C GLU B 106 2.29 -10.19 -11.54
N ILE B 107 2.86 -9.26 -12.31
CA ILE B 107 3.26 -9.52 -13.67
C ILE B 107 4.66 -10.13 -13.72
N LYS B 108 4.78 -11.29 -14.36
CA LYS B 108 6.08 -11.88 -14.59
C LYS B 108 6.67 -11.32 -15.87
N ARG B 109 7.93 -10.92 -15.80
CA ARG B 109 8.69 -10.48 -16.93
C ARG B 109 10.12 -11.01 -16.77
N THR B 110 10.98 -10.75 -17.75
CA THR B 110 12.38 -11.14 -17.65
C THR B 110 13.04 -10.42 -16.48
N VAL B 111 14.02 -11.08 -15.91
CA VAL B 111 14.78 -10.50 -14.82
C VAL B 111 15.47 -9.23 -15.31
N ALA B 112 15.44 -8.19 -14.49
CA ALA B 112 16.14 -6.93 -14.75
C ALA B 112 16.91 -6.60 -13.47
N ALA B 113 18.23 -6.50 -13.56
CA ALA B 113 19.04 -6.12 -12.42
C ALA B 113 18.84 -4.64 -12.10
N PRO B 114 18.89 -4.28 -10.81
CA PRO B 114 18.72 -2.85 -10.43
C PRO B 114 19.93 -2.02 -10.84
N SER B 115 19.65 -0.81 -11.26
CA SER B 115 20.65 0.26 -11.23
C SER B 115 20.69 0.85 -9.85
N VAL B 116 21.88 0.97 -9.29
CA VAL B 116 22.04 1.35 -7.88
C VAL B 116 22.73 2.72 -7.76
N PHE B 117 22.18 3.53 -6.87
CA PHE B 117 22.69 4.89 -6.63
C PHE B 117 22.70 5.15 -5.13
N ILE B 118 23.76 5.81 -4.65
CA ILE B 118 23.84 6.25 -3.23
C ILE B 118 23.92 7.76 -3.14
N PHE B 119 23.24 8.28 -2.11
CA PHE B 119 23.16 9.73 -1.86
C PHE B 119 23.60 10.06 -0.45
N PRO B 120 24.62 10.89 -0.33
CA PRO B 120 24.96 11.38 1.00
C PRO B 120 23.95 12.35 1.59
N PRO B 121 24.00 12.54 2.92
CA PRO B 121 23.18 13.58 3.55
C PRO B 121 23.60 14.95 3.04
N SER B 122 22.64 15.84 2.97
CA SER B 122 22.87 17.20 2.56
C SER B 122 23.46 17.98 3.71
N ASP B 123 24.23 19.01 3.40
CA ASP B 123 24.77 19.87 4.45
C ASP B 123 23.66 20.57 5.27
N GLU B 124 22.58 20.91 4.60
CA GLU B 124 21.42 21.52 5.25
C GLU B 124 20.80 20.61 6.29
N GLN B 125 20.68 19.32 5.95
CA GLN B 125 20.13 18.39 6.92
C GLN B 125 21.01 18.28 8.13
N LEU B 126 22.31 18.25 7.92
CA LEU B 126 23.23 18.04 9.03
C LEU B 126 23.07 19.09 10.14
N LYS B 127 22.67 20.30 9.75
CA LYS B 127 22.39 21.37 10.74
C LYS B 127 21.31 20.99 11.76
N SER B 128 20.41 20.09 11.35
CA SER B 128 19.30 19.55 12.15
C SER B 128 19.72 18.55 13.23
N GLY B 129 20.94 18.02 13.13
CA GLY B 129 21.40 17.00 14.07
C GLY B 129 21.23 15.54 13.63
N THR B 130 20.65 15.36 12.46
CA THR B 130 20.39 14.04 11.91
C THR B 130 20.92 13.97 10.51
N ALA B 131 21.34 12.78 10.10
CA ALA B 131 21.84 12.52 8.75
C ALA B 131 21.05 11.36 8.17
N SER B 132 20.55 11.53 6.96
CA SER B 132 19.92 10.44 6.21
C SER B 132 20.79 10.09 5.02
N VAL B 133 21.08 8.82 4.86
CA VAL B 133 21.83 8.32 3.70
C VAL B 133 20.85 7.44 2.90
N VAL B 134 20.74 7.68 1.59
CA VAL B 134 19.75 7.01 0.79
C VAL B 134 20.39 6.15 -0.30
N CYS B 135 19.90 4.93 -0.45
CA CYS B 135 20.32 3.99 -1.51
C CYS B 135 19.10 3.72 -2.34
N LEU B 136 19.20 3.95 -3.66
CA LEU B 136 18.15 3.70 -4.62
C LEU B 136 18.49 2.48 -5.49
N LEU B 137 17.55 1.56 -5.61
CA LEU B 137 17.58 0.43 -6.54
C LEU B 137 16.51 0.71 -7.54
N ASN B 138 16.90 0.97 -8.77
CA ASN B 138 15.97 1.43 -9.77
C ASN B 138 15.67 0.38 -10.84
N ASN B 139 14.37 0.24 -11.10
CA ASN B 139 13.79 -0.47 -12.23
C ASN B 139 14.29 -1.90 -12.38
N PHE B 140 13.97 -2.70 -11.37
CA PHE B 140 14.41 -4.10 -11.32
C PHE B 140 13.23 -5.08 -11.24
N TYR B 141 13.50 -6.34 -11.52
CA TYR B 141 12.52 -7.40 -11.47
C TYR B 141 13.31 -8.71 -11.26
N PRO B 142 12.85 -9.59 -10.37
CA PRO B 142 11.68 -9.52 -9.50
C PRO B 142 11.90 -8.62 -8.29
N ARG B 143 10.86 -8.50 -7.47
CA ARG B 143 10.84 -7.58 -6.32
C ARG B 143 11.86 -7.90 -5.26
N GLU B 144 12.23 -9.15 -5.14
CA GLU B 144 13.09 -9.58 -4.03
C GLU B 144 14.50 -9.00 -4.21
N ALA B 145 14.97 -8.31 -3.18
CA ALA B 145 16.32 -7.76 -3.20
C ALA B 145 16.80 -7.65 -1.77
N LYS B 146 18.10 -7.65 -1.59
CA LYS B 146 18.68 -7.44 -0.26
C LYS B 146 19.59 -6.24 -0.32
N VAL B 147 19.40 -5.31 0.61
CA VAL B 147 20.25 -4.14 0.74
C VAL B 147 20.93 -4.18 2.08
N GLN B 148 22.26 -4.09 2.12
CA GLN B 148 23.01 -4.04 3.37
C GLN B 148 23.82 -2.75 3.41
N TRP B 149 23.71 -2.03 4.49
CA TRP B 149 24.50 -0.85 4.74
C TRP B 149 25.73 -1.18 5.56
N LYS B 150 26.84 -0.55 5.19
CA LYS B 150 28.10 -0.67 5.89
C LYS B 150 28.65 0.72 6.12
N VAL B 151 29.13 0.96 7.33
CA VAL B 151 29.77 2.22 7.72
C VAL B 151 31.14 1.84 8.27
N ASP B 152 32.21 2.29 7.62
CA ASP B 152 33.60 1.88 7.97
C ASP B 152 33.67 0.34 8.15
N ASN B 153 33.02 -0.35 7.20
CA ASN B 153 32.98 -1.80 7.07
C ASN B 153 32.15 -2.50 8.16
N ALA B 154 31.49 -1.75 9.03
CA ALA B 154 30.59 -2.36 10.02
C ALA B 154 29.18 -2.49 9.43
N LEU B 155 28.65 -3.71 9.46
CA LEU B 155 27.29 -3.96 8.95
C LEU B 155 26.29 -3.31 9.87
N GLN B 156 25.39 -2.49 9.32
CA GLN B 156 24.35 -1.82 10.09
C GLN B 156 23.09 -2.63 10.10
N SER B 157 22.46 -2.73 11.27
CA SER B 157 21.21 -3.43 11.38
C SER B 157 20.29 -2.66 12.33
N GLY B 158 19.04 -2.43 11.95
CA GLY B 158 18.07 -1.81 12.82
C GLY B 158 17.89 -0.32 12.62
N ASN B 159 18.75 0.30 11.82
CA ASN B 159 18.73 1.75 11.64
C ASN B 159 18.44 2.17 10.20
N SER B 160 17.76 1.29 9.46
CA SER B 160 17.32 1.63 8.09
C SER B 160 15.87 1.22 7.86
N GLN B 161 15.24 1.90 6.89
CA GLN B 161 13.90 1.55 6.44
C GLN B 161 13.85 1.57 4.94
N GLU B 162 13.04 0.66 4.39
CA GLU B 162 12.85 0.52 2.96
C GLU B 162 11.45 0.93 2.55
N SER B 163 11.38 1.39 1.30
CA SER B 163 10.10 1.59 0.62
C SER B 163 10.21 1.05 -0.80
N VAL B 164 9.14 0.44 -1.30
N VAL B 164 9.12 0.47 -1.30
CA VAL B 164 9.12 -0.07 -2.64
CA VAL B 164 9.09 -0.17 -2.60
C VAL B 164 7.91 0.47 -3.39
C VAL B 164 7.88 0.33 -3.41
N THR B 165 8.09 0.67 -4.68
CA THR B 165 7.00 1.13 -5.52
C THR B 165 6.07 -0.01 -5.88
N GLU B 166 4.86 0.34 -6.31
CA GLU B 166 4.04 -0.62 -6.99
C GLU B 166 4.68 -0.98 -8.32
N GLN B 167 4.31 -2.13 -8.87
CA GLN B 167 4.87 -2.57 -10.11
C GLN B 167 4.49 -1.60 -11.23
N ASP B 168 5.48 -1.23 -12.04
CA ASP B 168 5.27 -0.17 -13.03
C ASP B 168 4.32 -0.69 -14.09
N SER B 169 3.35 0.15 -14.52
CA SER B 169 2.36 -0.29 -15.50
C SER B 169 2.87 -0.44 -16.93
N LYS B 170 4.02 0.16 -17.24
CA LYS B 170 4.56 0.08 -18.61
C LYS B 170 5.65 -0.99 -18.73
N ASP B 171 6.58 -1.03 -17.78
CA ASP B 171 7.72 -1.97 -17.86
C ASP B 171 7.75 -3.10 -16.83
N SER B 172 6.77 -3.11 -15.93
CA SER B 172 6.57 -4.19 -14.95
C SER B 172 7.71 -4.32 -13.94
N THR B 173 8.49 -3.25 -13.75
CA THR B 173 9.58 -3.28 -12.78
C THR B 173 9.18 -2.61 -11.47
N TYR B 174 10.05 -2.76 -10.49
CA TYR B 174 9.96 -2.14 -9.20
C TYR B 174 11.18 -1.23 -9.02
N SER B 175 11.02 -0.28 -8.11
CA SER B 175 12.12 0.49 -7.54
C SER B 175 12.00 0.45 -6.01
N LEU B 176 13.15 0.62 -5.34
CA LEU B 176 13.22 0.49 -3.89
C LEU B 176 14.17 1.50 -3.34
N SER B 177 13.83 2.14 -2.23
CA SER B 177 14.75 3.00 -1.51
C SER B 177 15.02 2.38 -0.16
N SER B 178 16.25 2.53 0.29
CA SER B 178 16.66 2.18 1.65
C SER B 178 17.29 3.43 2.23
N THR B 179 16.83 3.85 3.40
CA THR B 179 17.31 5.06 4.07
C THR B 179 17.93 4.68 5.41
N LEU B 180 19.21 4.97 5.55
CA LEU B 180 19.96 4.81 6.80
C LEU B 180 19.88 6.12 7.54
N THR B 181 19.49 6.07 8.82
CA THR B 181 19.35 7.28 9.64
C THR B 181 20.37 7.19 10.77
N LEU B 182 21.19 8.23 10.91
CA LEU B 182 22.23 8.30 11.94
C LEU B 182 22.21 9.69 12.53
N SER B 183 22.76 9.83 13.74
CA SER B 183 22.95 11.16 14.29
C SER B 183 24.03 11.89 13.49
N LYS B 184 24.00 13.21 13.50
CA LYS B 184 25.10 13.99 12.91
C LYS B 184 26.43 13.63 13.53
N ALA B 185 26.48 13.49 14.85
CA ALA B 185 27.69 13.16 15.55
C ALA B 185 28.26 11.84 15.01
N ASP B 186 27.41 10.82 14.86
CA ASP B 186 27.90 9.54 14.33
C ASP B 186 28.31 9.67 12.88
N TYR B 187 27.54 10.39 12.09
CA TYR B 187 27.90 10.55 10.69
C TYR B 187 29.28 11.17 10.55
N GLU B 188 29.54 12.17 11.37
CA GLU B 188 30.81 12.93 11.28
C GLU B 188 32.02 12.20 11.86
N LYS B 189 31.80 11.09 12.55
CA LYS B 189 32.88 10.26 13.10
C LYS B 189 33.30 9.10 12.22
N HIS B 190 32.65 8.89 11.08
CA HIS B 190 32.96 7.78 10.23
C HIS B 190 33.15 8.28 8.82
N LYS B 191 33.78 7.49 7.97
CA LYS B 191 34.20 7.98 6.67
C LYS B 191 33.53 7.27 5.51
N VAL B 192 33.52 5.95 5.47
CA VAL B 192 33.07 5.23 4.29
C VAL B 192 31.65 4.75 4.50
N TYR B 193 30.78 5.14 3.60
CA TYR B 193 29.36 4.79 3.62
C TYR B 193 29.04 4.01 2.39
N ALA B 194 28.50 2.81 2.57
CA ALA B 194 28.29 1.91 1.44
C ALA B 194 27.00 1.19 1.53
N CYS B 195 26.31 1.01 0.39
N CYS B 195 26.39 1.04 0.35
CA CYS B 195 25.15 0.10 0.34
CA CYS B 195 25.15 0.32 0.15
C CYS B 195 25.44 -1.01 -0.66
C CYS B 195 25.56 -0.88 -0.69
N GLU B 196 25.33 -2.24 -0.18
N GLU B 196 25.17 -2.09 -0.27
CA GLU B 196 25.57 -3.45 -0.96
CA GLU B 196 25.53 -3.32 -0.98
C GLU B 196 24.23 -3.99 -1.34
C GLU B 196 24.28 -4.10 -1.33
N VAL B 197 24.06 -4.28 -2.63
CA VAL B 197 22.82 -4.78 -3.18
C VAL B 197 23.02 -6.18 -3.80
N THR B 198 22.16 -7.10 -3.36
CA THR B 198 22.14 -8.49 -3.83
C THR B 198 20.77 -8.68 -4.50
N HIS B 199 20.76 -9.23 -5.70
CA HIS B 199 19.57 -9.46 -6.49
C HIS B 199 19.90 -10.59 -7.44
N GLN B 200 18.90 -11.40 -7.79
CA GLN B 200 19.17 -12.56 -8.63
C GLN B 200 19.64 -12.21 -10.02
N GLY B 201 19.40 -10.98 -10.46
CA GLY B 201 19.92 -10.50 -11.74
C GLY B 201 21.36 -10.02 -11.74
N LEU B 202 21.98 -9.97 -10.56
CA LEU B 202 23.39 -9.53 -10.41
C LEU B 202 24.25 -10.75 -10.12
N SER B 203 25.30 -10.96 -10.91
CA SER B 203 26.20 -12.13 -10.72
C SER B 203 26.92 -12.06 -9.40
N SER B 204 27.26 -10.85 -8.96
N SER B 204 27.20 -10.84 -8.95
CA SER B 204 27.80 -10.63 -7.63
CA SER B 204 27.73 -10.63 -7.63
C SER B 204 27.19 -9.35 -7.08
C SER B 204 27.14 -9.34 -7.08
N PRO B 205 27.16 -9.19 -5.75
CA PRO B 205 26.56 -7.97 -5.23
C PRO B 205 27.23 -6.69 -5.69
N VAL B 206 26.43 -5.66 -5.91
CA VAL B 206 26.88 -4.34 -6.34
C VAL B 206 26.99 -3.45 -5.09
N THR B 207 28.12 -2.80 -4.88
CA THR B 207 28.30 -1.84 -3.79
C THR B 207 28.51 -0.45 -4.39
N LYS B 208 27.71 0.51 -3.92
CA LYS B 208 27.92 1.92 -4.18
C LYS B 208 28.30 2.57 -2.89
N SER B 209 29.28 3.46 -2.94
CA SER B 209 29.81 4.02 -1.73
C SER B 209 30.28 5.45 -1.95
N PHE B 210 30.46 6.17 -0.85
CA PHE B 210 31.12 7.47 -0.86
C PHE B 210 31.95 7.58 0.41
N ASN B 211 32.91 8.50 0.38
CA ASN B 211 33.67 8.87 1.53
C ASN B 211 33.18 10.22 1.97
N ARG B 212 32.80 10.36 3.23
CA ARG B 212 32.31 11.63 3.74
C ARG B 212 33.38 12.71 3.51
N GLY B 213 32.96 13.84 2.97
CA GLY B 213 33.88 14.98 2.76
C GLY B 213 34.55 14.98 1.40
N GLU B 214 34.38 13.92 0.59
CA GLU B 214 35.03 13.83 -0.71
C GLU B 214 34.00 13.87 -1.81
S CXS C . 3.37 24.88 -9.67
O1 CXS C . 2.22 25.40 -8.89
O2 CXS C . 3.80 25.94 -10.62
O3 CXS C . 2.96 23.67 -10.45
C1 CXS C . 4.59 24.40 -8.63
C2 CXS C . 5.15 25.57 -7.82
C3 CXS C . 6.37 26.08 -8.54
N CXS C . 6.92 27.20 -7.80
C4 CXS C . 7.97 27.77 -8.67
C5 CXS C . 9.23 26.90 -8.79
C6 CXS C . 10.26 27.59 -9.69
C7 CXS C . 10.62 28.96 -9.18
C8 CXS C . 9.34 29.80 -9.11
C9 CXS C . 8.37 29.14 -8.16
C1 GOL D . 12.42 6.58 4.32
O1 GOL D . 11.61 5.94 3.36
C2 GOL D . 12.95 7.94 3.91
O2 GOL D . 12.66 8.98 4.78
C3 GOL D . 12.59 8.38 2.56
O3 GOL D . 13.69 7.93 1.82
#